data_4GIW
#
_entry.id   4GIW
#
_cell.length_a   39.116
_cell.length_b   94.201
_cell.length_c   44.602
_cell.angle_alpha   90.00
_cell.angle_beta   99.54
_cell.angle_gamma   90.00
#
_symmetry.space_group_name_H-M   'P 1 21 1'
#
loop_
_entity.id
_entity.type
_entity.pdbx_description
1 polymer 'RUN and SH3 domain-containing protein 1'
2 water water
#
_entity_poly.entity_id   1
_entity_poly.type   'polypeptide(L)'
_entity_poly.pdbx_seq_one_letter_code
;TGQLQEQKKGLLIAVSVSVDKIISHFGAARNLVQKAQLGDSRLSPDVGHLVLTTLCPALHALVADGLKPFRKDLITGQRR
SSPWSVVEASVKPGSSTRSLGTLYSQVSRLAPLSSSRSRFHAFILGLLNTKQLELWFSSLQEDAGLLSL(MSE)Y(MSE)
PTGFFSLARGGCPSLSTELLLLLQPLSVLTFHLDLLFELEHHHHHH
;
_entity_poly.pdbx_strand_id   A,B
#
# COMPACT_ATOMS: atom_id res chain seq x y z
N GLN A 7 -2.38 -0.11 -31.82
CA GLN A 7 -1.39 0.76 -31.13
C GLN A 7 -1.52 0.61 -29.60
N LYS A 8 -0.39 0.73 -28.92
CA LYS A 8 -0.33 0.56 -27.48
C LYS A 8 -1.03 1.70 -26.73
N LYS A 9 -1.23 2.82 -27.43
CA LYS A 9 -1.92 3.98 -26.86
C LYS A 9 -3.38 3.70 -26.52
N GLY A 10 -4.03 2.86 -27.33
CA GLY A 10 -5.42 2.45 -27.09
C GLY A 10 -5.57 1.65 -25.81
N LEU A 11 -4.65 0.70 -25.60
CA LEU A 11 -4.59 -0.08 -24.37
C LEU A 11 -4.44 0.84 -23.16
N LEU A 12 -3.62 1.87 -23.32
CA LEU A 12 -3.41 2.84 -22.25
C LEU A 12 -4.66 3.68 -21.96
N ILE A 13 -5.41 4.02 -23.02
CA ILE A 13 -6.65 4.78 -22.87
C ILE A 13 -7.70 4.06 -22.01
N ALA A 14 -7.81 2.75 -22.13
CA ALA A 14 -8.75 1.97 -21.30
C ALA A 14 -8.36 2.02 -19.83
N VAL A 15 -7.06 2.07 -19.56
CA VAL A 15 -6.56 2.24 -18.20
C VAL A 15 -6.95 3.63 -17.69
N SER A 16 -6.64 4.66 -18.47
CA SER A 16 -6.90 6.05 -18.11
C SER A 16 -8.36 6.31 -17.77
N VAL A 17 -9.24 5.77 -18.60
CA VAL A 17 -10.69 5.88 -18.40
C VAL A 17 -11.12 5.15 -17.12
N SER A 18 -10.51 3.99 -16.86
CA SER A 18 -10.78 3.26 -15.62
C SER A 18 -10.42 4.08 -14.39
N VAL A 19 -9.22 4.65 -14.40
CA VAL A 19 -8.74 5.47 -13.30
C VAL A 19 -9.67 6.66 -13.03
N ASP A 20 -10.12 7.33 -14.10
CA ASP A 20 -11.04 8.46 -13.98
C ASP A 20 -12.30 8.09 -13.20
N LYS A 21 -12.91 6.96 -13.56
CA LYS A 21 -14.13 6.49 -12.88
C LYS A 21 -13.87 6.17 -11.41
N ILE A 22 -12.79 5.45 -11.13
CA ILE A 22 -12.45 5.08 -9.75
C ILE A 22 -12.20 6.33 -8.91
N ILE A 23 -11.43 7.26 -9.44
CA ILE A 23 -11.22 8.54 -8.77
C ILE A 23 -12.55 9.20 -8.45
N SER A 24 -13.47 9.23 -9.41
CA SER A 24 -14.79 9.86 -9.18
C SER A 24 -15.59 9.14 -8.09
N HIS A 25 -15.52 7.81 -8.06
CA HIS A 25 -16.16 7.06 -7.00
C HIS A 25 -15.70 7.54 -5.62
N PHE A 26 -14.38 7.62 -5.42
CA PHE A 26 -13.81 8.02 -4.13
C PHE A 26 -14.07 9.48 -3.80
N GLY A 27 -14.22 10.30 -4.84
CA GLY A 27 -14.40 11.74 -4.70
C GLY A 27 -15.69 12.17 -4.03
N ALA A 28 -16.59 11.22 -3.80
CA ALA A 28 -17.83 11.51 -3.08
C ALA A 28 -17.52 11.87 -1.62
N ALA A 29 -16.38 11.39 -1.11
CA ALA A 29 -16.01 11.63 0.28
C ALA A 29 -15.17 12.88 0.46
N ARG A 30 -15.31 13.52 1.62
CA ARG A 30 -14.62 14.78 1.89
C ARG A 30 -13.34 14.62 2.72
N ASN A 31 -13.26 13.59 3.56
CA ASN A 31 -12.02 13.35 4.30
C ASN A 31 -11.38 11.98 4.05
N LEU A 32 -10.17 11.81 4.56
CA LEU A 32 -9.40 10.56 4.42
C LEU A 32 -10.11 9.33 4.95
N VAL A 33 -10.73 9.44 6.12
CA VAL A 33 -11.41 8.29 6.71
C VAL A 33 -12.62 7.86 5.86
N GLN A 34 -13.43 8.84 5.45
CA GLN A 34 -14.57 8.58 4.54
C GLN A 34 -14.10 8.00 3.20
N LYS A 35 -12.99 8.50 2.66
CA LYS A 35 -12.43 7.94 1.42
C LYS A 35 -12.03 6.47 1.60
N ALA A 36 -11.49 6.14 2.78
CA ALA A 36 -11.15 4.75 3.09
C ALA A 36 -12.39 3.85 3.12
N GLN A 37 -13.52 4.37 3.61
CA GLN A 37 -14.76 3.60 3.65
C GLN A 37 -15.27 3.30 2.23
N LEU A 38 -15.02 4.25 1.31
CA LEU A 38 -15.38 4.08 -0.11
C LEU A 38 -14.48 3.08 -0.84
N GLY A 39 -13.35 2.75 -0.24
CA GLY A 39 -12.45 1.72 -0.78
C GLY A 39 -12.66 0.34 -0.18
N ASP A 40 -13.48 0.25 0.86
CA ASP A 40 -13.77 -1.02 1.51
C ASP A 40 -14.96 -1.68 0.79
N SER A 41 -14.70 -2.79 0.11
CA SER A 41 -15.74 -3.42 -0.71
C SER A 41 -16.92 -3.95 0.10
N ARG A 42 -16.70 -4.17 1.40
CA ARG A 42 -17.81 -4.62 2.26
C ARG A 42 -18.77 -3.48 2.59
N LEU A 43 -18.25 -2.25 2.64
CA LEU A 43 -19.06 -1.06 2.95
C LEU A 43 -19.61 -0.40 1.68
N SER A 44 -18.81 -0.46 0.61
CA SER A 44 -19.14 0.18 -0.64
C SER A 44 -18.91 -0.82 -1.77
N PRO A 45 -19.82 -1.79 -1.95
CA PRO A 45 -19.53 -2.80 -2.98
C PRO A 45 -19.38 -2.22 -4.40
N ASP A 46 -19.93 -1.03 -4.65
CA ASP A 46 -19.72 -0.37 -5.95
C ASP A 46 -18.24 -0.25 -6.34
N VAL A 47 -17.35 -0.04 -5.37
CA VAL A 47 -15.91 0.00 -5.68
C VAL A 47 -15.42 -1.35 -6.24
N GLY A 48 -15.91 -2.44 -5.66
CA GLY A 48 -15.58 -3.78 -6.15
C GLY A 48 -16.06 -4.00 -7.57
N HIS A 49 -17.33 -3.68 -7.82
CA HIS A 49 -17.91 -3.83 -9.16
C HIS A 49 -17.19 -2.96 -10.18
N LEU A 50 -16.88 -1.74 -9.78
CA LEU A 50 -16.22 -0.78 -10.66
C LEU A 50 -14.83 -1.28 -11.07
N VAL A 51 -14.03 -1.66 -10.09
CA VAL A 51 -12.67 -2.12 -10.35
C VAL A 51 -12.65 -3.35 -11.25
N LEU A 52 -13.51 -4.32 -10.93
CA LEU A 52 -13.59 -5.57 -11.70
C LEU A 52 -14.07 -5.38 -13.14
N THR A 53 -14.83 -4.32 -13.41
CA THR A 53 -15.43 -4.13 -14.73
C THR A 53 -14.77 -3.04 -15.55
N THR A 54 -13.81 -2.34 -14.94
CA THR A 54 -13.10 -1.24 -15.58
C THR A 54 -11.59 -1.46 -15.61
N LEU A 55 -10.96 -1.37 -14.46
CA LEU A 55 -9.50 -1.47 -14.37
C LEU A 55 -9.00 -2.91 -14.62
N CYS A 56 -9.67 -3.89 -14.04
CA CYS A 56 -9.24 -5.30 -14.21
C CYS A 56 -9.16 -5.76 -15.68
N PRO A 57 -10.23 -5.56 -16.48
CA PRO A 57 -10.14 -5.94 -17.90
C PRO A 57 -9.09 -5.11 -18.63
N ALA A 58 -9.00 -3.81 -18.33
CA ALA A 58 -7.99 -2.94 -18.92
C ALA A 58 -6.56 -3.46 -18.72
N LEU A 59 -6.25 -3.87 -17.49
CA LEU A 59 -4.92 -4.38 -17.15
C LEU A 59 -4.72 -5.79 -17.67
N HIS A 60 -5.80 -6.56 -17.72
CA HIS A 60 -5.76 -7.89 -18.32
C HIS A 60 -5.34 -7.77 -19.77
N ALA A 61 -5.95 -6.85 -20.52
CA ALA A 61 -5.61 -6.62 -21.92
C ALA A 61 -4.14 -6.18 -22.09
N LEU A 62 -3.67 -5.33 -21.18
CA LEU A 62 -2.31 -4.84 -21.23
C LEU A 62 -1.31 -5.99 -21.07
N VAL A 63 -1.56 -6.85 -20.08
CA VAL A 63 -0.70 -8.00 -19.79
C VAL A 63 -0.78 -9.09 -20.88
N ALA A 64 -1.96 -9.26 -21.49
CA ALA A 64 -2.12 -10.26 -22.56
C ALA A 64 -1.53 -9.81 -23.90
N ASP A 65 -1.25 -8.49 -24.02
CA ASP A 65 -0.84 -8.01 -25.33
C ASP A 65 0.49 -8.59 -25.78
N GLY A 66 0.55 -9.29 -26.87
CA GLY A 66 1.77 -9.89 -27.40
C GLY A 66 2.17 -11.18 -26.69
N LEU A 67 1.29 -11.70 -25.83
CA LEU A 67 1.58 -12.95 -25.11
C LEU A 67 1.65 -14.13 -26.06
N LYS A 68 2.79 -14.84 -26.07
CA LYS A 68 2.86 -16.09 -26.83
C LYS A 68 1.79 -17.03 -26.28
N PRO A 69 1.03 -17.70 -27.17
CA PRO A 69 -0.22 -18.35 -26.75
C PRO A 69 -0.04 -19.58 -25.89
N PHE A 70 1.12 -20.23 -25.97
CA PHE A 70 1.37 -21.42 -25.18
C PHE A 70 2.65 -21.35 -24.34
N ARG A 71 2.63 -22.08 -23.24
CA ARG A 71 3.82 -22.36 -22.45
C ARG A 71 3.94 -23.86 -22.25
N LYS A 72 5.17 -24.35 -22.16
CA LYS A 72 5.41 -25.79 -22.01
C LYS A 72 4.96 -26.30 -20.65
N ASP A 73 4.56 -27.58 -20.61
CA ASP A 73 4.20 -28.23 -19.35
C ASP A 73 4.38 -29.73 -19.48
N LEU A 74 4.62 -30.41 -18.36
CA LEU A 74 4.97 -31.82 -18.38
C LEU A 74 3.77 -32.74 -18.22
N ILE A 75 2.59 -32.15 -18.09
CA ILE A 75 1.34 -32.91 -18.06
C ILE A 75 0.87 -33.16 -19.50
N THR A 76 0.60 -32.07 -20.22
CA THR A 76 0.04 -32.16 -21.56
C THR A 76 0.95 -31.52 -22.62
N GLY A 77 2.25 -31.47 -22.33
CA GLY A 77 3.24 -30.93 -23.27
C GLY A 77 3.24 -29.42 -23.34
N GLN A 78 2.04 -28.84 -23.31
CA GLN A 78 1.84 -27.39 -23.32
C GLN A 78 0.42 -27.04 -22.91
N ARG A 79 0.27 -25.84 -22.36
CA ARG A 79 -1.05 -25.31 -22.02
C ARG A 79 -1.10 -23.82 -22.33
N ARG A 80 -2.31 -23.29 -22.47
CA ARG A 80 -2.52 -21.89 -22.83
C ARG A 80 -1.85 -20.95 -21.82
N SER A 81 -1.19 -19.92 -22.35
CA SER A 81 -0.64 -18.87 -21.51
C SER A 81 -1.69 -17.78 -21.32
N SER A 82 -1.62 -17.09 -20.19
CA SER A 82 -2.58 -16.03 -19.86
C SER A 82 -1.89 -15.00 -18.97
N PRO A 83 -2.55 -13.85 -18.72
CA PRO A 83 -2.00 -12.95 -17.72
C PRO A 83 -1.70 -13.64 -16.39
N TRP A 84 -2.57 -14.57 -15.96
CA TRP A 84 -2.31 -15.34 -14.75
C TRP A 84 -1.00 -16.11 -14.83
N SER A 85 -0.72 -16.68 -16.00
CA SER A 85 0.56 -17.34 -16.25
C SER A 85 1.71 -16.36 -16.04
N VAL A 86 1.51 -15.10 -16.42
CA VAL A 86 2.54 -14.07 -16.25
C VAL A 86 2.78 -13.80 -14.76
N VAL A 87 1.70 -13.72 -13.99
CA VAL A 87 1.81 -13.62 -12.52
C VAL A 87 2.64 -14.78 -11.95
N GLU A 88 2.28 -16.00 -12.32
CA GLU A 88 2.98 -17.21 -11.84
C GLU A 88 4.47 -17.18 -12.11
N ALA A 89 4.85 -16.70 -13.30
CA ALA A 89 6.26 -16.64 -13.70
C ALA A 89 7.03 -15.56 -12.95
N SER A 90 6.35 -14.47 -12.60
CA SER A 90 7.01 -13.31 -12.01
C SER A 90 7.12 -13.33 -10.49
N VAL A 91 6.35 -14.19 -9.83
CA VAL A 91 6.35 -14.20 -8.36
C VAL A 91 6.19 -15.59 -7.75
N THR A 97 9.17 -9.39 -4.53
CA THR A 97 9.22 -9.03 -3.13
C THR A 97 8.48 -10.02 -2.24
N ARG A 98 8.81 -10.00 -0.95
CA ARG A 98 8.07 -10.75 0.06
C ARG A 98 6.58 -10.40 0.05
N SER A 99 6.26 -9.13 -0.15
CA SER A 99 4.88 -8.66 -0.20
C SER A 99 4.14 -9.27 -1.40
N LEU A 100 4.81 -9.32 -2.54
CA LEU A 100 4.23 -9.93 -3.74
C LEU A 100 3.99 -11.44 -3.60
N GLY A 101 4.96 -12.13 -2.98
CA GLY A 101 4.88 -13.59 -2.79
C GLY A 101 3.72 -14.00 -1.89
N THR A 102 3.51 -13.25 -0.81
CA THR A 102 2.41 -13.51 0.10
C THR A 102 1.08 -13.39 -0.63
N LEU A 103 0.91 -12.30 -1.37
CA LEU A 103 -0.31 -12.08 -2.16
C LEU A 103 -0.53 -13.21 -3.19
N TYR A 104 0.54 -13.61 -3.88
CA TYR A 104 0.42 -14.68 -4.85
C TYR A 104 -0.06 -15.97 -4.19
N SER A 105 0.52 -16.32 -3.04
CA SER A 105 0.13 -17.54 -2.32
C SER A 105 -1.35 -17.46 -1.94
N GLN A 106 -1.75 -16.31 -1.40
CA GLN A 106 -3.17 -16.05 -1.06
C GLN A 106 -4.12 -16.35 -2.22
N VAL A 107 -3.89 -15.70 -3.37
CA VAL A 107 -4.75 -15.85 -4.54
C VAL A 107 -4.79 -17.30 -5.05
N SER A 108 -3.61 -17.94 -5.06
CA SER A 108 -3.46 -19.29 -5.58
C SER A 108 -4.13 -20.35 -4.70
N ARG A 109 -4.07 -20.15 -3.38
CA ARG A 109 -4.69 -21.07 -2.42
C ARG A 109 -6.22 -21.10 -2.58
N LEU A 110 -6.84 -19.93 -2.45
CA LEU A 110 -8.29 -19.79 -2.66
C LEU A 110 -8.61 -19.63 -4.15
N ALA A 111 -8.10 -20.58 -4.94
CA ALA A 111 -8.36 -20.65 -6.38
C ALA A 111 -8.65 -22.10 -6.77
N PRO A 112 -9.84 -22.60 -6.39
CA PRO A 112 -10.20 -24.01 -6.57
C PRO A 112 -10.43 -24.38 -8.03
N LEU A 113 -11.44 -23.76 -8.65
CA LEU A 113 -11.83 -24.04 -10.03
C LEU A 113 -12.10 -22.71 -10.76
N SER A 114 -11.51 -21.63 -10.26
CA SER A 114 -11.68 -20.30 -10.83
C SER A 114 -10.95 -20.14 -12.17
N SER A 115 -11.53 -19.33 -13.05
CA SER A 115 -10.90 -18.93 -14.30
C SER A 115 -9.49 -18.40 -14.04
N SER A 116 -8.61 -18.54 -15.03
CA SER A 116 -7.32 -17.85 -14.97
C SER A 116 -7.56 -16.35 -14.97
N ARG A 117 -8.62 -15.92 -15.67
CA ARG A 117 -9.01 -14.51 -15.67
C ARG A 117 -9.41 -14.07 -14.26
N SER A 118 -10.19 -14.91 -13.56
CA SER A 118 -10.65 -14.61 -12.20
C SER A 118 -9.50 -14.52 -11.19
N ARG A 119 -8.53 -15.43 -11.32
CA ARG A 119 -7.35 -15.40 -10.46
C ARG A 119 -6.49 -14.15 -10.74
N PHE A 120 -6.32 -13.80 -12.02
CA PHE A 120 -5.62 -12.56 -12.38
C PHE A 120 -6.37 -11.32 -11.86
N HIS A 121 -7.70 -11.33 -11.96
CA HIS A 121 -8.51 -10.22 -11.43
C HIS A 121 -8.26 -10.08 -9.94
N ALA A 122 -8.26 -11.22 -9.25
CA ALA A 122 -8.03 -11.28 -7.80
C ALA A 122 -6.66 -10.74 -7.41
N PHE A 123 -5.65 -11.03 -8.24
CA PHE A 123 -4.31 -10.54 -7.99
C PHE A 123 -4.30 -9.01 -8.10
N ILE A 124 -5.03 -8.46 -9.07
CA ILE A 124 -5.13 -7.01 -9.25
C ILE A 124 -5.77 -6.34 -8.04
N LEU A 125 -6.83 -6.95 -7.50
CA LEU A 125 -7.45 -6.48 -6.26
C LEU A 125 -6.41 -6.40 -5.16
N GLY A 126 -5.62 -7.46 -5.02
CA GLY A 126 -4.54 -7.53 -4.05
C GLY A 126 -3.47 -6.47 -4.23
N LEU A 127 -3.07 -6.22 -5.48
CA LEU A 127 -2.12 -5.14 -5.78
C LEU A 127 -2.66 -3.76 -5.38
N LEU A 128 -3.94 -3.53 -5.64
CA LEU A 128 -4.61 -2.31 -5.22
C LEU A 128 -4.63 -2.14 -3.70
N ASN A 129 -4.95 -3.22 -2.99
CA ASN A 129 -4.96 -3.21 -1.52
C ASN A 129 -3.60 -2.84 -0.93
N THR A 130 -2.55 -3.36 -1.53
CA THR A 130 -1.19 -3.18 -1.03
C THR A 130 -0.41 -2.07 -1.74
N LYS A 131 -1.03 -1.45 -2.75
CA LYS A 131 -0.39 -0.37 -3.52
C LYS A 131 0.90 -0.89 -4.15
N GLN A 132 0.80 -2.08 -4.75
CA GLN A 132 1.94 -2.71 -5.39
C GLN A 132 1.78 -2.84 -6.91
N LEU A 133 0.84 -2.11 -7.50
CA LEU A 133 0.65 -2.11 -8.96
C LEU A 133 1.92 -1.73 -9.70
N GLU A 134 2.47 -0.56 -9.36
CA GLU A 134 3.70 -0.09 -10.01
C GLU A 134 4.85 -1.07 -9.83
N LEU A 135 5.01 -1.57 -8.61
CA LEU A 135 6.10 -2.51 -8.30
C LEU A 135 5.98 -3.80 -9.13
N TRP A 136 4.77 -4.33 -9.27
CA TRP A 136 4.61 -5.56 -10.02
C TRP A 136 4.94 -5.37 -11.51
N PHE A 137 4.42 -4.29 -12.10
CA PHE A 137 4.74 -3.98 -13.49
C PHE A 137 6.24 -3.78 -13.71
N SER A 138 6.92 -3.22 -12.70
CA SER A 138 8.38 -3.04 -12.72
C SER A 138 9.10 -4.39 -12.68
N SER A 139 8.56 -5.32 -11.90
CA SER A 139 9.07 -6.67 -11.82
C SER A 139 9.08 -7.37 -13.18
N LEU A 140 8.04 -7.13 -13.98
CA LEU A 140 7.96 -7.65 -15.34
C LEU A 140 9.06 -7.05 -16.23
N GLN A 141 9.14 -5.73 -16.24
CA GLN A 141 10.09 -5.02 -17.09
C GLN A 141 11.55 -5.35 -16.83
N GLU A 142 11.88 -5.67 -15.59
CA GLU A 142 13.26 -5.97 -15.18
C GLU A 142 13.66 -7.43 -15.43
N ASP A 143 12.68 -8.27 -15.74
CA ASP A 143 12.90 -9.69 -15.96
C ASP A 143 12.99 -9.93 -17.46
N ALA A 144 14.20 -9.75 -18.01
CA ALA A 144 14.42 -9.90 -19.44
C ALA A 144 14.13 -11.32 -19.93
N GLY A 145 14.44 -12.32 -19.11
CA GLY A 145 14.15 -13.71 -19.44
C GLY A 145 12.67 -13.96 -19.61
N LEU A 146 11.88 -13.49 -18.65
CA LEU A 146 10.43 -13.67 -18.69
C LEU A 146 9.84 -13.05 -19.94
N LEU A 147 10.28 -11.82 -20.26
CA LEU A 147 9.75 -11.12 -21.44
C LEU A 147 10.08 -11.84 -22.75
N SER A 148 11.32 -12.29 -22.90
CA SER A 148 11.72 -13.07 -24.05
C SER A 148 10.94 -14.39 -24.12
N LEU A 149 10.89 -15.09 -22.99
CA LEU A 149 10.17 -16.37 -22.91
C LEU A 149 8.68 -16.23 -23.26
N MSE A 150 8.04 -15.19 -22.78
CA MSE A 150 6.58 -15.13 -22.78
C MSE A 150 5.91 -14.23 -23.81
O MSE A 150 4.75 -14.44 -24.13
CB MSE A 150 6.06 -14.80 -21.39
CG MSE A 150 6.50 -15.81 -20.35
SE MSE A 150 5.49 -15.65 -18.71
CE MSE A 150 3.76 -16.35 -19.33
N TYR A 151 6.64 -13.23 -24.31
CA TYR A 151 6.06 -12.21 -25.18
C TYR A 151 6.74 -12.09 -26.51
N MSE A 152 5.98 -11.59 -27.48
CA MSE A 152 6.54 -11.06 -28.73
C MSE A 152 7.31 -9.79 -28.43
O MSE A 152 7.02 -9.10 -27.45
CB MSE A 152 5.42 -10.75 -29.72
CG MSE A 152 4.59 -11.95 -30.09
SE MSE A 152 5.64 -13.37 -30.91
CE MSE A 152 6.20 -12.42 -32.51
N PRO A 153 8.31 -9.45 -29.29
CA PRO A 153 9.04 -8.19 -29.14
C PRO A 153 8.13 -6.96 -29.31
N THR A 154 6.97 -7.17 -29.91
CA THR A 154 6.00 -6.09 -30.10
C THR A 154 4.90 -6.07 -29.02
N GLY A 155 5.05 -6.92 -28.01
CA GLY A 155 4.11 -6.95 -26.88
C GLY A 155 4.33 -5.73 -26.01
N PHE A 156 3.26 -5.20 -25.45
CA PHE A 156 3.34 -3.98 -24.65
C PHE A 156 4.52 -3.96 -23.67
N PHE A 157 4.61 -4.97 -22.81
CA PHE A 157 5.64 -4.96 -21.76
C PHE A 157 7.06 -5.23 -22.26
N SER A 158 7.16 -5.86 -23.43
CA SER A 158 8.45 -6.04 -24.10
C SER A 158 8.93 -4.70 -24.66
N LEU A 159 8.00 -3.96 -25.27
CA LEU A 159 8.27 -2.65 -25.86
C LEU A 159 8.44 -1.56 -24.80
N ALA A 160 7.77 -1.71 -23.66
CA ALA A 160 7.76 -0.70 -22.61
C ALA A 160 9.16 -0.29 -22.14
N ARG A 161 10.15 -1.08 -22.50
CA ARG A 161 11.55 -0.78 -22.20
C ARG A 161 12.16 0.08 -23.30
N GLY A 162 11.90 1.39 -23.25
CA GLY A 162 12.46 2.33 -24.21
C GLY A 162 11.56 3.50 -24.57
N GLY A 163 12.16 4.51 -25.20
CA GLY A 163 11.44 5.72 -25.59
C GLY A 163 11.49 6.77 -24.49
N CYS A 164 11.02 7.97 -24.80
CA CYS A 164 11.11 9.10 -23.89
C CYS A 164 9.92 10.05 -24.11
N PRO A 165 8.87 9.95 -23.27
CA PRO A 165 8.70 8.95 -22.21
C PRO A 165 8.27 7.60 -22.75
N SER A 166 8.70 6.54 -22.07
CA SER A 166 8.35 5.19 -22.46
C SER A 166 6.87 4.92 -22.25
N LEU A 167 6.41 3.81 -22.82
CA LEU A 167 5.07 3.28 -22.55
C LEU A 167 4.92 3.04 -21.06
N SER A 168 6.01 2.59 -20.42
CA SER A 168 6.02 2.31 -19.00
C SER A 168 5.76 3.58 -18.17
N THR A 169 6.47 4.65 -18.52
CA THR A 169 6.30 5.94 -17.88
C THR A 169 4.86 6.45 -18.00
N GLU A 170 4.28 6.36 -19.20
CA GLU A 170 2.88 6.72 -19.39
C GLU A 170 1.96 5.92 -18.47
N LEU A 171 2.15 4.61 -18.45
CA LEU A 171 1.38 3.71 -17.58
C LEU A 171 1.47 4.13 -16.10
N LEU A 172 2.69 4.38 -15.64
CA LEU A 172 2.91 4.83 -14.25
C LEU A 172 2.14 6.11 -13.93
N LEU A 173 2.18 7.08 -14.84
CA LEU A 173 1.53 8.36 -14.61
C LEU A 173 0.01 8.23 -14.60
N LEU A 174 -0.53 7.33 -15.42
CA LEU A 174 -1.96 7.07 -15.43
C LEU A 174 -2.41 6.47 -14.10
N LEU A 175 -1.56 5.64 -13.52
CA LEU A 175 -1.89 4.93 -12.27
C LEU A 175 -1.66 5.76 -11.03
N GLN A 176 -0.84 6.81 -11.15
CA GLN A 176 -0.44 7.62 -9.99
C GLN A 176 -1.59 8.19 -9.13
N PRO A 177 -2.69 8.66 -9.74
CA PRO A 177 -3.78 9.15 -8.90
C PRO A 177 -4.31 8.11 -7.90
N LEU A 178 -4.26 6.83 -8.25
CA LEU A 178 -4.72 5.76 -7.37
C LEU A 178 -3.89 5.66 -6.08
N SER A 179 -2.65 6.13 -6.13
CA SER A 179 -1.72 5.93 -5.01
C SER A 179 -2.11 6.72 -3.76
N VAL A 180 -2.99 7.70 -3.91
CA VAL A 180 -3.44 8.49 -2.76
C VAL A 180 -4.67 7.89 -2.11
N LEU A 181 -5.24 6.86 -2.75
CA LEU A 181 -6.45 6.23 -2.28
C LEU A 181 -6.12 4.98 -1.48
N THR A 182 -7.02 4.57 -0.61
CA THR A 182 -6.85 3.35 0.18
C THR A 182 -7.94 2.35 -0.20
N PHE A 183 -7.52 1.19 -0.69
CA PHE A 183 -8.44 0.13 -1.07
C PHE A 183 -8.45 -0.98 -0.02
N HIS A 184 -9.63 -1.55 0.19
CA HIS A 184 -9.76 -2.76 1.00
C HIS A 184 -10.77 -3.69 0.34
N LEU A 185 -10.29 -4.40 -0.68
CA LEU A 185 -11.13 -5.23 -1.52
C LEU A 185 -10.99 -6.69 -1.14
N ASP A 186 -12.13 -7.35 -0.92
CA ASP A 186 -12.15 -8.79 -0.73
C ASP A 186 -11.64 -9.42 -2.01
N LEU A 187 -10.64 -10.28 -1.91
CA LEU A 187 -10.04 -10.92 -3.09
C LEU A 187 -11.07 -11.78 -3.80
N LEU A 188 -11.98 -12.34 -3.02
CA LEU A 188 -13.07 -13.18 -3.50
C LEU A 188 -14.31 -12.40 -3.94
N PHE A 189 -14.22 -11.08 -4.05
CA PHE A 189 -15.36 -10.24 -4.45
C PHE A 189 -16.09 -10.69 -5.73
N GLU A 190 -15.35 -11.14 -6.73
CA GLU A 190 -15.96 -11.61 -7.98
C GLU A 190 -16.80 -12.88 -7.77
N GLN B 7 7.00 25.90 18.82
CA GLN B 7 7.11 24.87 19.90
C GLN B 7 6.47 23.55 19.50
N LYS B 8 5.25 23.64 18.94
CA LYS B 8 4.58 22.48 18.36
C LYS B 8 5.25 22.09 17.05
N LYS B 9 5.68 23.11 16.29
CA LYS B 9 6.44 22.87 15.07
C LYS B 9 7.74 22.11 15.34
N GLY B 10 8.25 22.23 16.57
CA GLY B 10 9.44 21.49 17.02
C GLY B 10 9.21 19.99 16.92
N LEU B 11 8.04 19.55 17.39
CA LEU B 11 7.61 18.15 17.24
C LEU B 11 7.53 17.75 15.77
N LEU B 12 7.07 18.68 14.93
CA LEU B 12 7.01 18.42 13.50
C LEU B 12 8.40 18.33 12.88
N ILE B 13 9.35 19.11 13.39
CA ILE B 13 10.71 19.10 12.87
C ILE B 13 11.33 17.71 13.01
N ALA B 14 11.20 17.12 14.20
CA ALA B 14 11.75 15.79 14.47
C ALA B 14 11.17 14.75 13.52
N VAL B 15 9.88 14.87 13.23
CA VAL B 15 9.23 14.02 12.23
C VAL B 15 9.84 14.27 10.87
N SER B 16 9.96 15.54 10.48
CA SER B 16 10.48 15.90 9.16
C SER B 16 11.91 15.41 8.95
N VAL B 17 12.74 15.55 9.97
CA VAL B 17 14.14 15.11 9.89
C VAL B 17 14.19 13.59 9.67
N SER B 18 13.32 12.86 10.37
CA SER B 18 13.24 11.41 10.25
C SER B 18 12.79 10.97 8.86
N VAL B 19 11.71 11.56 8.35
CA VAL B 19 11.22 11.21 7.01
C VAL B 19 12.31 11.44 5.95
N ASP B 20 13.03 12.56 6.06
CA ASP B 20 14.07 12.84 5.07
C ASP B 20 15.22 11.82 5.08
N LYS B 21 15.57 11.30 6.27
CA LYS B 21 16.54 10.20 6.37
C LYS B 21 16.03 8.92 5.71
N ILE B 22 14.76 8.60 5.94
CA ILE B 22 14.15 7.39 5.38
C ILE B 22 14.07 7.48 3.85
N ILE B 23 13.61 8.62 3.34
CA ILE B 23 13.58 8.86 1.91
C ILE B 23 14.98 8.73 1.31
N SER B 24 15.97 9.27 2.02
CA SER B 24 17.36 9.22 1.57
C SER B 24 17.87 7.78 1.55
N HIS B 25 17.38 6.97 2.49
CA HIS B 25 17.74 5.56 2.54
C HIS B 25 17.35 4.84 1.25
N PHE B 26 16.14 5.12 0.75
CA PHE B 26 15.62 4.47 -0.46
C PHE B 26 16.25 5.00 -1.74
N GLY B 27 16.83 6.20 -1.67
CA GLY B 27 17.43 6.85 -2.83
C GLY B 27 18.59 6.10 -3.48
N ALA B 28 19.12 5.11 -2.77
CA ALA B 28 20.21 4.28 -3.29
C ALA B 28 19.75 3.33 -4.40
N ALA B 29 18.44 3.12 -4.49
CA ALA B 29 17.89 2.21 -5.47
C ALA B 29 17.60 2.92 -6.80
N ARG B 30 17.82 2.22 -7.91
CA ARG B 30 17.61 2.81 -9.24
C ARG B 30 16.38 2.27 -9.97
N ASN B 31 15.66 1.35 -9.33
CA ASN B 31 14.35 0.87 -9.81
C ASN B 31 13.45 0.45 -8.65
N LEU B 32 12.17 0.20 -8.95
CA LEU B 32 11.18 -0.13 -7.92
C LEU B 32 11.46 -1.42 -7.17
N VAL B 33 11.93 -2.44 -7.88
CA VAL B 33 12.29 -3.72 -7.27
C VAL B 33 13.41 -3.53 -6.24
N GLN B 34 14.42 -2.74 -6.60
CA GLN B 34 15.51 -2.42 -5.68
C GLN B 34 15.03 -1.55 -4.51
N LYS B 35 14.08 -0.64 -4.77
CA LYS B 35 13.49 0.17 -3.70
C LYS B 35 12.74 -0.68 -2.69
N ALA B 36 12.03 -1.69 -3.18
CA ALA B 36 11.37 -2.66 -2.32
C ALA B 36 12.36 -3.45 -1.46
N GLN B 37 13.53 -3.78 -2.02
CA GLN B 37 14.58 -4.49 -1.27
C GLN B 37 15.05 -3.65 -0.07
N LEU B 38 15.19 -2.34 -0.30
CA LEU B 38 15.64 -1.41 0.73
C LEU B 38 14.61 -1.15 1.82
N GLY B 39 13.35 -1.50 1.56
CA GLY B 39 12.26 -1.38 2.52
C GLY B 39 11.98 -2.63 3.33
N ASP B 40 12.67 -3.73 2.99
CA ASP B 40 12.49 -5.00 3.66
C ASP B 40 13.49 -5.12 4.80
N SER B 41 13.00 -5.22 6.03
CA SER B 41 13.89 -5.22 7.19
C SER B 41 14.82 -6.45 7.28
N ARG B 42 14.44 -7.55 6.63
CA ARG B 42 15.30 -8.73 6.57
C ARG B 42 16.42 -8.59 5.54
N LEU B 43 16.15 -7.86 4.46
CA LEU B 43 17.13 -7.68 3.37
C LEU B 43 18.01 -6.45 3.61
N SER B 44 17.43 -5.46 4.28
CA SER B 44 18.13 -4.21 4.57
C SER B 44 17.79 -3.77 6.00
N PRO B 45 18.39 -4.45 7.01
CA PRO B 45 18.12 -4.15 8.43
C PRO B 45 18.27 -2.68 8.77
N ASP B 46 19.12 -1.97 8.03
CA ASP B 46 19.31 -0.53 8.25
C ASP B 46 17.99 0.27 8.19
N VAL B 47 17.03 -0.18 7.39
CA VAL B 47 15.74 0.50 7.30
C VAL B 47 14.93 0.33 8.59
N GLY B 48 14.99 -0.85 9.17
CA GLY B 48 14.32 -1.11 10.43
C GLY B 48 14.98 -0.26 11.51
N HIS B 49 16.31 -0.26 11.53
CA HIS B 49 17.06 0.55 12.51
C HIS B 49 16.69 2.02 12.41
N LEU B 50 16.64 2.55 11.19
CA LEU B 50 16.29 3.95 10.97
C LEU B 50 14.88 4.26 11.47
N VAL B 51 13.92 3.42 11.09
CA VAL B 51 12.51 3.65 11.44
C VAL B 51 12.32 3.61 12.96
N LEU B 52 12.90 2.60 13.59
CA LEU B 52 12.74 2.40 15.03
C LEU B 52 13.41 3.47 15.88
N THR B 53 14.51 4.04 15.39
CA THR B 53 15.26 4.99 16.21
C THR B 53 15.01 6.46 15.86
N THR B 54 14.38 6.73 14.73
CA THR B 54 14.15 8.13 14.32
C THR B 54 12.66 8.45 14.18
N LEU B 55 11.95 7.69 13.36
CA LEU B 55 10.53 7.96 13.14
C LEU B 55 9.65 7.58 14.34
N CYS B 56 9.83 6.37 14.85
CA CYS B 56 9.02 5.88 15.97
C CYS B 56 9.09 6.78 17.22
N PRO B 57 10.32 7.14 17.68
CA PRO B 57 10.39 8.09 18.79
C PRO B 57 9.75 9.46 18.48
N ALA B 58 9.98 9.99 17.28
CA ALA B 58 9.38 11.29 16.91
C ALA B 58 7.85 11.21 16.93
N LEU B 59 7.31 10.13 16.39
CA LEU B 59 5.86 9.95 16.37
C LEU B 59 5.31 9.69 17.76
N HIS B 60 6.08 8.98 18.59
CA HIS B 60 5.70 8.70 19.97
C HIS B 60 5.56 9.99 20.78
N ALA B 61 6.56 10.88 20.68
CA ALA B 61 6.54 12.18 21.35
C ALA B 61 5.36 13.03 20.88
N LEU B 62 5.05 12.94 19.59
CA LEU B 62 3.94 13.68 19.01
C LEU B 62 2.60 13.27 19.60
N VAL B 63 2.37 11.96 19.67
CA VAL B 63 1.13 11.44 20.25
C VAL B 63 1.10 11.60 21.78
N ALA B 64 2.26 11.60 22.42
CA ALA B 64 2.34 11.75 23.87
C ALA B 64 2.13 13.19 24.32
N ASP B 65 2.21 14.13 23.39
CA ASP B 65 2.25 15.54 23.76
C ASP B 65 0.90 16.07 24.24
N GLY B 66 0.86 16.46 25.51
CA GLY B 66 -0.36 16.96 26.13
C GLY B 66 -1.34 15.88 26.49
N LEU B 67 -0.90 14.62 26.42
CA LEU B 67 -1.72 13.49 26.82
C LEU B 67 -2.05 13.58 28.31
N LYS B 68 -3.33 13.53 28.65
CA LYS B 68 -3.73 13.44 30.06
C LYS B 68 -3.07 12.18 30.64
N PRO B 69 -2.21 12.36 31.66
CA PRO B 69 -1.33 11.28 32.18
C PRO B 69 -2.07 10.02 32.64
N PHE B 70 -3.25 10.17 33.23
CA PHE B 70 -4.04 9.05 33.71
C PHE B 70 -5.42 9.01 33.05
N ARG B 79 -4.24 2.56 34.52
CA ARG B 79 -4.25 3.95 34.98
C ARG B 79 -3.44 4.88 34.07
N ARG B 80 -2.15 4.59 33.89
CA ARG B 80 -1.31 5.44 33.03
C ARG B 80 -1.74 5.36 31.56
N SER B 81 -1.93 6.54 30.96
CA SER B 81 -2.23 6.64 29.54
C SER B 81 -0.92 6.79 28.78
N SER B 82 -0.90 6.29 27.56
CA SER B 82 0.29 6.29 26.73
C SER B 82 -0.14 6.43 25.26
N PRO B 83 0.82 6.65 24.35
CA PRO B 83 0.45 6.63 22.95
C PRO B 83 -0.25 5.34 22.52
N TRP B 84 0.11 4.20 23.13
CA TRP B 84 -0.60 2.95 22.86
C TRP B 84 -2.09 3.04 23.23
N SER B 85 -2.39 3.71 24.33
CA SER B 85 -3.78 3.94 24.79
C SER B 85 -4.54 4.71 23.73
N VAL B 86 -3.88 5.68 23.11
CA VAL B 86 -4.45 6.46 22.01
C VAL B 86 -4.81 5.55 20.82
N VAL B 87 -3.89 4.66 20.46
CA VAL B 87 -4.11 3.74 19.35
C VAL B 87 -5.26 2.79 19.65
N GLU B 88 -5.54 2.60 20.93
CA GLU B 88 -6.62 1.71 21.36
C GLU B 88 -7.98 2.37 21.20
N ALA B 89 -8.11 3.57 21.76
CA ALA B 89 -9.35 4.32 21.68
C ALA B 89 -9.64 4.80 20.26
N SER B 90 -8.66 4.62 19.38
CA SER B 90 -8.80 5.01 17.98
C SER B 90 -9.56 3.97 17.18
N VAL B 91 -9.40 2.71 17.56
CA VAL B 91 -10.07 1.61 16.88
C VAL B 91 -11.59 1.75 16.97
N LYS B 92 -12.12 2.83 16.40
CA LYS B 92 -13.55 3.08 16.42
C LYS B 92 -14.14 2.82 17.80
N GLY B 94 -16.73 3.60 14.76
CA GLY B 94 -17.31 4.78 14.15
C GLY B 94 -16.33 5.93 14.08
N SER B 95 -15.06 5.61 13.90
CA SER B 95 -14.02 6.63 13.81
C SER B 95 -12.72 6.05 13.25
N SER B 96 -12.80 4.83 12.72
CA SER B 96 -11.63 4.16 12.16
C SER B 96 -12.08 3.30 10.97
N THR B 97 -11.21 2.42 10.50
CA THR B 97 -11.51 1.57 9.37
C THR B 97 -11.27 0.12 9.77
N ARG B 98 -11.82 -0.81 8.99
CA ARG B 98 -11.63 -2.23 9.23
C ARG B 98 -10.15 -2.62 9.21
N SER B 99 -9.41 -2.11 8.24
CA SER B 99 -7.99 -2.46 8.12
C SER B 99 -7.17 -1.96 9.30
N LEU B 100 -7.50 -0.77 9.78
CA LEU B 100 -6.83 -0.21 10.94
C LEU B 100 -7.09 -1.06 12.19
N GLY B 101 -8.34 -1.47 12.39
CA GLY B 101 -8.72 -2.31 13.53
C GLY B 101 -8.03 -3.68 13.49
N THR B 102 -7.93 -4.24 12.29
CA THR B 102 -7.21 -5.50 12.04
C THR B 102 -5.72 -5.40 12.42
N LEU B 103 -5.09 -4.28 12.07
CA LEU B 103 -3.68 -4.05 12.45
C LEU B 103 -3.55 -3.89 13.95
N TYR B 104 -4.48 -3.14 14.54
CA TYR B 104 -4.45 -2.97 15.99
C TYR B 104 -4.50 -4.32 16.69
N SER B 105 -5.40 -5.19 16.23
CA SER B 105 -5.55 -6.51 16.84
C SER B 105 -4.28 -7.34 16.67
N GLN B 106 -3.70 -7.33 15.48
CA GLN B 106 -2.48 -8.08 15.22
C GLN B 106 -1.38 -7.65 16.18
N VAL B 107 -1.16 -6.34 16.28
CA VAL B 107 -0.17 -5.77 17.19
C VAL B 107 -0.48 -6.07 18.66
N SER B 108 -1.75 -5.93 19.06
CA SER B 108 -2.15 -6.21 20.44
C SER B 108 -1.89 -7.67 20.84
N ARG B 109 -1.86 -8.57 19.85
CA ARG B 109 -1.60 -9.99 20.10
C ARG B 109 -0.16 -10.43 19.83
N LEU B 110 0.75 -9.48 19.64
CA LEU B 110 2.16 -9.83 19.42
C LEU B 110 2.80 -10.16 20.76
N ALA B 111 2.73 -11.43 21.14
CA ALA B 111 3.11 -11.88 22.48
C ALA B 111 4.50 -11.46 22.97
N PRO B 112 5.54 -11.49 22.10
CA PRO B 112 6.86 -11.08 22.59
C PRO B 112 6.97 -9.62 23.06
N LEU B 113 6.04 -8.76 22.64
CA LEU B 113 6.08 -7.35 23.01
C LEU B 113 5.49 -7.14 24.40
N SER B 114 6.25 -6.48 25.27
CA SER B 114 5.95 -6.49 26.71
C SER B 114 5.67 -5.11 27.29
N SER B 115 5.57 -4.10 26.43
CA SER B 115 5.32 -2.74 26.88
C SER B 115 4.44 -1.96 25.93
N SER B 116 3.82 -0.92 26.47
CA SER B 116 3.03 0.02 25.67
C SER B 116 3.88 0.69 24.60
N ARG B 117 5.14 1.03 24.95
CA ARG B 117 6.01 1.69 23.98
C ARG B 117 6.33 0.77 22.78
N SER B 118 6.69 -0.48 23.07
CA SER B 118 7.00 -1.46 22.03
C SER B 118 5.80 -1.71 21.12
N ARG B 119 4.62 -1.81 21.72
CA ARG B 119 3.38 -1.99 20.96
C ARG B 119 3.09 -0.82 20.02
N PHE B 120 3.27 0.42 20.51
CA PHE B 120 3.06 1.61 19.68
C PHE B 120 4.05 1.62 18.49
N HIS B 121 5.33 1.40 18.80
CA HIS B 121 6.38 1.23 17.78
C HIS B 121 6.01 0.21 16.70
N ALA B 122 5.57 -0.98 17.13
CA ALA B 122 5.12 -2.01 16.19
C ALA B 122 3.91 -1.57 15.36
N PHE B 123 3.03 -0.79 15.96
CA PHE B 123 1.89 -0.22 15.24
C PHE B 123 2.35 0.70 14.12
N ILE B 124 3.35 1.53 14.41
CA ILE B 124 3.98 2.39 13.40
C ILE B 124 4.61 1.54 12.28
N LEU B 125 5.35 0.49 12.65
CA LEU B 125 5.86 -0.45 11.66
C LEU B 125 4.73 -0.96 10.77
N GLY B 126 3.60 -1.33 11.37
CA GLY B 126 2.46 -1.85 10.61
C GLY B 126 1.80 -0.84 9.68
N LEU B 127 1.74 0.41 10.12
CA LEU B 127 1.17 1.50 9.31
C LEU B 127 2.04 1.77 8.09
N LEU B 128 3.36 1.73 8.28
CA LEU B 128 4.28 1.87 7.16
C LEU B 128 4.12 0.73 6.15
N ASN B 129 4.10 -0.52 6.63
CA ASN B 129 3.84 -1.68 5.75
C ASN B 129 2.54 -1.59 4.96
N THR B 130 1.49 -1.08 5.60
CA THR B 130 0.18 -1.05 4.98
C THR B 130 -0.11 0.30 4.33
N LYS B 131 0.86 1.22 4.40
CA LYS B 131 0.75 2.58 3.83
C LYS B 131 -0.45 3.36 4.39
N GLN B 132 -0.65 3.26 5.69
CA GLN B 132 -1.80 3.88 6.35
C GLN B 132 -1.39 4.91 7.38
N LEU B 133 -0.13 5.34 7.35
CA LEU B 133 0.36 6.28 8.35
C LEU B 133 -0.45 7.55 8.34
N GLU B 134 -0.60 8.15 7.16
CA GLU B 134 -1.36 9.39 7.05
C GLU B 134 -2.81 9.16 7.47
N LEU B 135 -3.37 8.05 6.98
CA LEU B 135 -4.74 7.66 7.30
C LEU B 135 -4.98 7.60 8.81
N TRP B 136 -4.09 6.92 9.52
CA TRP B 136 -4.27 6.77 10.96
C TRP B 136 -4.24 8.13 11.68
N PHE B 137 -3.26 8.98 11.35
CA PHE B 137 -3.17 10.28 12.01
C PHE B 137 -4.35 11.18 11.65
N SER B 138 -4.78 11.12 10.39
CA SER B 138 -5.98 11.79 9.96
C SER B 138 -7.17 11.37 10.83
N SER B 139 -7.28 10.08 11.10
CA SER B 139 -8.40 9.54 11.88
C SER B 139 -8.45 10.07 13.32
N LEU B 140 -7.28 10.38 13.89
CA LEU B 140 -7.21 10.95 15.24
C LEU B 140 -7.94 12.30 15.34
N GLN B 141 -7.85 13.10 14.28
CA GLN B 141 -8.48 14.41 14.24
C GLN B 141 -10.01 14.36 14.10
N GLU B 142 -10.53 13.24 13.62
CA GLU B 142 -11.97 13.10 13.40
C GLU B 142 -12.73 12.77 14.67
N ASP B 143 -12.05 12.16 15.64
CA ASP B 143 -12.69 11.75 16.89
C ASP B 143 -12.60 12.87 17.93
N ALA B 144 -13.62 13.72 17.95
CA ALA B 144 -13.64 14.85 18.89
C ALA B 144 -13.72 14.37 20.33
N GLY B 145 -14.51 13.31 20.56
CA GLY B 145 -14.58 12.68 21.88
C GLY B 145 -13.22 12.22 22.40
N LEU B 146 -12.48 11.51 21.53
CA LEU B 146 -11.13 11.04 21.88
C LEU B 146 -10.20 12.20 22.24
N LEU B 147 -10.19 13.23 21.42
CA LEU B 147 -9.32 14.38 21.65
C LEU B 147 -9.64 15.04 22.98
N SER B 148 -10.94 15.16 23.27
CA SER B 148 -11.38 15.76 24.53
C SER B 148 -11.09 14.83 25.70
N LEU B 149 -11.30 13.54 25.50
CA LEU B 149 -11.06 12.55 26.55
C LEU B 149 -9.56 12.42 26.88
N MSE B 150 -8.71 12.31 25.86
CA MSE B 150 -7.28 11.96 26.07
C MSE B 150 -6.33 13.14 26.23
O MSE B 150 -5.26 12.99 26.82
CB MSE B 150 -6.73 11.15 24.88
CG MSE B 150 -7.61 10.10 24.28
SE MSE B 150 -7.47 8.34 25.08
CE MSE B 150 -5.55 8.02 25.02
N TYR B 151 -6.68 14.28 25.67
CA TYR B 151 -5.71 15.37 25.58
C TYR B 151 -6.10 16.61 26.35
N MSE B 152 -5.08 17.26 26.93
CA MSE B 152 -5.21 18.59 27.51
C MSE B 152 -5.32 19.60 26.36
O MSE B 152 -4.96 19.28 25.22
CB MSE B 152 -4.00 18.90 28.38
CG MSE B 152 -4.13 18.42 29.84
SE MSE B 152 -2.38 18.12 30.69
CE MSE B 152 -1.22 19.15 29.47
N PRO B 153 -5.83 20.82 26.63
CA PRO B 153 -6.02 21.81 25.57
C PRO B 153 -4.72 22.26 24.89
N THR B 154 -3.60 22.12 25.59
CA THR B 154 -2.31 22.56 25.08
C THR B 154 -1.59 21.47 24.29
N GLY B 155 -2.23 20.32 24.13
CA GLY B 155 -1.65 19.21 23.36
C GLY B 155 -1.62 19.50 21.87
N PHE B 156 -0.63 18.93 21.19
CA PHE B 156 -0.48 19.13 19.74
C PHE B 156 -1.76 18.84 18.98
N PHE B 157 -2.40 17.70 19.30
CA PHE B 157 -3.60 17.30 18.58
C PHE B 157 -4.85 18.10 18.97
N SER B 158 -4.84 18.71 20.14
CA SER B 158 -5.90 19.66 20.56
C SER B 158 -5.77 20.97 19.80
N LEU B 159 -4.53 21.39 19.55
CA LEU B 159 -4.26 22.64 18.84
C LEU B 159 -4.38 22.51 17.32
N ALA B 160 -4.17 21.30 16.80
CA ALA B 160 -4.25 21.05 15.36
C ALA B 160 -5.69 21.11 14.86
N SER B 166 -2.42 24.44 8.76
CA SER B 166 -2.42 24.09 10.18
C SER B 166 -1.44 22.97 10.50
N LEU B 167 -1.23 22.71 11.79
CA LEU B 167 -0.29 21.67 12.24
C LEU B 167 -0.65 20.28 11.71
N SER B 168 -1.94 19.95 11.71
CA SER B 168 -2.42 18.68 11.17
C SER B 168 -2.20 18.59 9.66
N THR B 169 -2.47 19.68 8.95
CA THR B 169 -2.19 19.75 7.52
C THR B 169 -0.71 19.48 7.26
N GLU B 170 0.15 20.15 8.04
CA GLU B 170 1.58 20.02 7.88
C GLU B 170 2.06 18.62 8.24
N LEU B 171 1.53 18.06 9.31
CA LEU B 171 1.90 16.70 9.71
C LEU B 171 1.63 15.72 8.60
N LEU B 172 0.41 15.78 8.06
CA LEU B 172 0.00 14.86 7.02
C LEU B 172 0.85 14.99 5.76
N LEU B 173 1.22 16.21 5.40
CA LEU B 173 2.14 16.44 4.26
C LEU B 173 3.53 15.83 4.48
N LEU B 174 4.00 15.90 5.71
CA LEU B 174 5.30 15.32 6.05
C LEU B 174 5.27 13.79 5.93
N LEU B 175 4.12 13.20 6.26
CA LEU B 175 3.94 11.75 6.27
C LEU B 175 3.66 11.17 4.88
N GLN B 176 3.10 11.97 3.98
CA GLN B 176 2.73 11.54 2.61
C GLN B 176 3.80 10.76 1.83
N PRO B 177 5.03 11.30 1.73
CA PRO B 177 6.07 10.64 0.95
C PRO B 177 6.30 9.18 1.35
N LEU B 178 6.09 8.86 2.61
CA LEU B 178 6.26 7.49 3.10
C LEU B 178 5.20 6.53 2.58
N SER B 179 4.06 7.06 2.18
CA SER B 179 2.96 6.22 1.67
C SER B 179 3.20 5.65 0.27
N VAL B 180 4.15 6.20 -0.47
CA VAL B 180 4.49 5.66 -1.79
C VAL B 180 5.78 4.83 -1.76
N LEU B 181 6.28 4.57 -0.56
CA LEU B 181 7.41 3.66 -0.39
C LEU B 181 6.88 2.31 0.04
N THR B 182 7.37 1.25 -0.59
CA THR B 182 6.98 -0.10 -0.21
C THR B 182 7.89 -0.61 0.91
N PHE B 183 7.27 -0.88 2.05
CA PHE B 183 7.96 -1.38 3.24
C PHE B 183 7.57 -2.82 3.50
N HIS B 184 8.50 -3.59 4.04
CA HIS B 184 8.19 -4.92 4.54
C HIS B 184 8.96 -5.08 5.85
N LEU B 185 8.48 -4.38 6.87
CA LEU B 185 9.14 -4.35 8.17
C LEU B 185 8.56 -5.43 9.06
N ASP B 186 9.41 -6.28 9.62
CA ASP B 186 8.95 -7.28 10.58
C ASP B 186 8.43 -6.55 11.83
N LEU B 187 7.20 -6.85 12.21
CA LEU B 187 6.55 -6.17 13.33
C LEU B 187 7.29 -6.42 14.65
N LEU B 188 8.08 -7.49 14.68
CA LEU B 188 8.88 -7.84 15.85
C LEU B 188 10.34 -7.37 15.75
N PHE B 189 10.61 -6.49 14.79
CA PHE B 189 11.97 -5.98 14.56
C PHE B 189 12.71 -5.54 15.82
N GLU B 190 12.00 -4.95 16.77
CA GLU B 190 12.58 -4.61 18.06
C GLU B 190 13.07 -5.89 18.74
#